data_7SGU
#
_entry.id   7SGU
#
_cell.length_a   85.075
_cell.length_b   85.075
_cell.length_c   132.548
_cell.angle_alpha   90.000
_cell.angle_beta   90.000
_cell.angle_gamma   120.000
#
_symmetry.space_group_name_H-M   'P 32 2 1'
#
loop_
_entity.id
_entity.type
_entity.pdbx_description
1 polymer 'Papain-like protease'
2 non-polymer 5-amino-N-(naphthalen-1-yl)pyridine-3-carboxamide
3 non-polymer 'ZINC ION'
4 non-polymer 'CHLORIDE ION'
5 non-polymer 'FORMIC ACID'
6 water water
#
_entity_poly.entity_id   1
_entity_poly.type   'polypeptide(L)'
_entity_poly.pdbx_seq_one_letter_code
;SNAEVRTIKVFTTVDNINLHTQVVDMSMTYGQQFGPTYLDGADVTKIKPHNSHEGKTFYVLPNDDTLRVEAFEYYHTTDP
SFLGRYMSALNHTKKWKYPQVNGLTSIKWADNNSYLATALLTLQQIELKFNPPALQDAYYRARAGEAANFCALILAYCNK
TVGELGDVRETMSYLFQHANLDSCKRVLNVVCKTCGQQQTTLKGVEAVMYMGTLSYEQFKKGVQIPCTCGKQATKYLVQQ
ESPFVMMSAPPAQYELKHGTFTCASEYTGNYQCGHYKHITSKETLYCIDGALLTKSSEYKGPITDVFYKENSYTTTIK
;
_entity_poly.pdbx_strand_id   A
#
loop_
_chem_comp.id
_chem_comp.type
_chem_comp.name
_chem_comp.formula
9EI non-polymer 5-amino-N-(naphthalen-1-yl)pyridine-3-carboxamide 'C16 H13 N3 O'
CL non-polymer 'CHLORIDE ION' 'Cl -1'
FMT non-polymer 'FORMIC ACID' 'C H2 O2'
ZN non-polymer 'ZINC ION' 'Zn 2'
#
# COMPACT_ATOMS: atom_id res chain seq x y z
N ARG A 6 39.67 -20.74 10.27
CA ARG A 6 39.42 -19.77 9.13
C ARG A 6 38.12 -18.99 9.38
N THR A 7 38.21 -17.65 9.42
CA THR A 7 37.04 -16.79 9.75
C THR A 7 37.01 -15.56 8.86
N ILE A 8 35.82 -14.95 8.78
CA ILE A 8 35.63 -13.59 8.22
C ILE A 8 34.82 -12.77 9.23
N LYS A 9 34.90 -11.45 9.08
CA LYS A 9 34.02 -10.51 9.79
C LYS A 9 32.83 -10.24 8.88
N VAL A 10 31.64 -10.27 9.46
CA VAL A 10 30.39 -9.83 8.75
C VAL A 10 29.60 -8.99 9.74
N PHE A 11 28.55 -8.35 9.25
CA PHE A 11 27.63 -7.60 10.12
C PHE A 11 26.26 -8.26 10.02
N THR A 12 25.57 -8.28 11.17
CA THR A 12 24.18 -8.70 11.26
C THR A 12 23.33 -7.47 11.52
N THR A 13 22.05 -7.55 11.13
CA THR A 13 21.13 -6.42 11.24
C THR A 13 19.71 -6.97 11.29
N VAL A 14 18.79 -6.14 11.79
CA VAL A 14 17.35 -6.32 11.48
C VAL A 14 16.81 -5.15 10.68
N ASP A 15 17.48 -3.99 10.66
CA ASP A 15 16.92 -2.76 10.03
C ASP A 15 17.79 -2.25 8.88
N ASN A 16 18.97 -2.84 8.66
CA ASN A 16 19.93 -2.45 7.61
C ASN A 16 20.49 -1.05 7.89
N ILE A 17 20.40 -0.58 9.14
CA ILE A 17 20.98 0.70 9.56
C ILE A 17 21.95 0.42 10.71
N ASN A 18 21.43 -0.11 11.81
CA ASN A 18 22.26 -0.55 12.96
C ASN A 18 22.90 -1.89 12.62
N LEU A 19 24.20 -1.92 12.64
CA LEU A 19 24.98 -3.11 12.32
C LEU A 19 25.57 -3.68 13.61
N HIS A 20 25.74 -4.99 13.61
CA HIS A 20 26.31 -5.74 14.74
C HIS A 20 27.49 -6.56 14.21
N THR A 21 28.68 -6.29 14.74
CA THR A 21 29.90 -6.94 14.27
C THR A 21 29.85 -8.43 14.69
N GLN A 22 30.16 -9.32 13.77
CA GLN A 22 30.24 -10.79 14.05
C GLN A 22 31.52 -11.32 13.42
N VAL A 23 32.10 -12.32 14.05
CA VAL A 23 33.16 -13.14 13.41
C VAL A 23 32.57 -14.52 13.16
N VAL A 24 32.59 -15.00 11.91
CA VAL A 24 32.00 -16.33 11.58
C VAL A 24 33.10 -17.30 11.17
N ASP A 25 32.84 -18.58 11.42
CA ASP A 25 33.69 -19.74 11.07
C ASP A 25 33.27 -20.23 9.67
N MET A 26 34.22 -20.25 8.73
CA MET A 26 33.96 -20.58 7.29
C MET A 26 33.66 -22.08 7.11
N SER A 27 33.86 -22.89 8.14
CA SER A 27 33.62 -24.36 8.15
C SER A 27 32.19 -24.66 8.67
N MET A 28 31.43 -23.65 9.09
CA MET A 28 30.05 -23.84 9.60
C MET A 28 29.04 -23.00 8.79
N THR A 29 27.78 -23.41 8.74
CA THR A 29 26.73 -22.66 8.02
C THR A 29 26.39 -21.38 8.80
N TYR A 30 25.76 -20.41 8.15
CA TYR A 30 25.21 -19.22 8.84
C TYR A 30 24.17 -19.70 9.88
N GLY A 31 23.32 -20.65 9.48
CA GLY A 31 22.24 -21.18 10.33
C GLY A 31 22.79 -21.72 11.64
N GLN A 32 23.94 -22.38 11.59
CA GLN A 32 24.59 -22.96 12.79
C GLN A 32 25.07 -21.84 13.72
N GLN A 33 25.30 -20.63 13.20
CA GLN A 33 25.99 -19.57 13.99
C GLN A 33 24.98 -18.50 14.38
N PHE A 34 24.05 -18.13 13.50
CA PHE A 34 23.10 -17.00 13.71
C PHE A 34 21.64 -17.47 13.78
N GLY A 35 21.35 -18.67 13.30
CA GLY A 35 19.96 -19.04 12.98
C GLY A 35 19.61 -18.53 11.59
N PRO A 36 18.31 -18.42 11.26
CA PRO A 36 17.92 -18.02 9.91
C PRO A 36 18.63 -16.72 9.51
N THR A 37 19.28 -16.73 8.35
CA THR A 37 20.16 -15.64 7.87
C THR A 37 19.88 -15.35 6.39
N TYR A 38 19.85 -14.08 6.01
CA TYR A 38 19.53 -13.62 4.65
C TYR A 38 20.60 -12.62 4.19
N LEU A 39 20.98 -12.71 2.91
CA LEU A 39 21.89 -11.75 2.23
C LEU A 39 21.13 -11.14 1.08
N ASP A 40 20.79 -9.86 1.21
CA ASP A 40 19.99 -9.11 0.20
C ASP A 40 18.73 -9.90 -0.17
N GLY A 41 18.06 -10.53 0.80
CA GLY A 41 16.80 -11.26 0.55
C GLY A 41 17.02 -12.75 0.32
N ALA A 42 18.20 -13.17 -0.13
CA ALA A 42 18.51 -14.61 -0.37
C ALA A 42 18.70 -15.33 0.97
N ASP A 43 18.05 -16.48 1.16
CA ASP A 43 18.22 -17.32 2.37
C ASP A 43 19.59 -18.01 2.31
N VAL A 44 20.49 -17.64 3.21
CA VAL A 44 21.86 -18.24 3.27
C VAL A 44 22.01 -19.09 4.53
N THR A 45 20.92 -19.49 5.18
CA THR A 45 20.94 -20.29 6.45
C THR A 45 21.76 -21.57 6.28
N LYS A 46 21.64 -22.22 5.12
CA LYS A 46 22.23 -23.57 4.89
C LYS A 46 23.59 -23.43 4.21
N ILE A 47 24.10 -22.21 4.06
CA ILE A 47 25.32 -21.89 3.28
C ILE A 47 26.45 -21.58 4.27
N LYS A 48 27.69 -21.94 3.92
CA LYS A 48 28.90 -21.61 4.70
C LYS A 48 29.46 -20.30 4.15
N PRO A 49 30.00 -19.44 5.03
CA PRO A 49 30.65 -18.19 4.60
C PRO A 49 31.68 -18.37 3.47
N HIS A 50 31.56 -17.56 2.41
CA HIS A 50 32.52 -17.35 1.30
C HIS A 50 33.44 -16.18 1.65
N ASN A 51 34.60 -16.08 0.98
CA ASN A 51 35.53 -14.93 1.06
C ASN A 51 34.80 -13.65 0.68
N SER A 52 34.04 -13.67 -0.41
CA SER A 52 33.31 -12.50 -0.94
C SER A 52 32.28 -11.97 0.08
N HIS A 53 31.99 -12.71 1.17
CA HIS A 53 31.01 -12.25 2.20
C HIS A 53 31.66 -11.28 3.18
N GLU A 54 33.00 -11.22 3.23
CA GLU A 54 33.67 -10.38 4.26
C GLU A 54 33.14 -8.94 4.17
N GLY A 55 32.75 -8.39 5.31
CA GLY A 55 32.29 -7.00 5.37
C GLY A 55 30.84 -6.80 4.98
N LYS A 56 30.14 -7.83 4.52
CA LYS A 56 28.73 -7.71 4.07
C LYS A 56 27.77 -7.78 5.26
N THR A 57 26.58 -7.25 5.03
CA THR A 57 25.48 -7.18 6.01
C THR A 57 24.50 -8.33 5.74
N PHE A 58 24.16 -9.05 6.81
CA PHE A 58 23.19 -10.16 6.81
C PHE A 58 22.03 -9.81 7.73
N TYR A 59 20.81 -10.06 7.28
CA TYR A 59 19.63 -9.98 8.14
C TYR A 59 19.52 -11.27 8.95
N VAL A 60 19.20 -11.10 10.23
CA VAL A 60 18.92 -12.20 11.18
C VAL A 60 17.60 -11.90 11.87
N LEU A 61 17.13 -12.84 12.66
CA LEU A 61 15.85 -12.69 13.37
C LEU A 61 16.10 -11.92 14.65
N PRO A 62 15.09 -11.13 15.09
CA PRO A 62 15.17 -10.38 16.35
C PRO A 62 14.98 -11.27 17.58
N ASN A 63 16.05 -11.99 17.93
CA ASN A 63 16.10 -13.07 18.94
CA ASN A 63 15.97 -13.03 19.00
C ASN A 63 16.80 -12.61 20.22
N ASP A 64 17.08 -11.31 20.41
CA ASP A 64 17.56 -10.80 21.72
C ASP A 64 16.97 -9.40 21.90
N ASP A 65 17.15 -8.77 23.04
CA ASP A 65 16.39 -7.53 23.36
C ASP A 65 16.92 -6.34 22.50
N THR A 66 18.22 -6.26 22.20
CA THR A 66 18.77 -5.21 21.32
C THR A 66 18.14 -5.30 19.93
N LEU A 67 18.14 -6.49 19.33
CA LEU A 67 17.52 -6.65 18.01
C LEU A 67 16.00 -6.43 18.07
N ARG A 68 15.32 -6.83 19.14
CA ARG A 68 13.84 -6.62 19.25
C ARG A 68 13.53 -5.13 19.29
N VAL A 69 14.28 -4.34 20.07
CA VAL A 69 14.06 -2.88 20.11
C VAL A 69 14.28 -2.27 18.70
N GLU A 70 15.37 -2.64 18.03
CA GLU A 70 15.69 -2.12 16.68
C GLU A 70 14.57 -2.52 15.70
N ALA A 71 14.13 -3.78 15.74
CA ALA A 71 13.13 -4.25 14.78
C ALA A 71 11.78 -3.60 15.08
N PHE A 72 11.38 -3.49 16.33
CA PHE A 72 10.08 -2.86 16.66
C PHE A 72 10.08 -1.37 16.29
N GLU A 73 11.17 -0.67 16.58
CA GLU A 73 11.25 0.80 16.29
C GLU A 73 11.20 0.97 14.76
N TYR A 74 11.81 0.08 14.00
CA TYR A 74 11.90 0.26 12.53
C TYR A 74 10.60 -0.18 11.85
N TYR A 75 10.03 -1.32 12.24
CA TYR A 75 8.90 -1.95 11.49
C TYR A 75 7.54 -1.82 12.20
N HIS A 76 7.52 -1.57 13.50
CA HIS A 76 6.28 -1.44 14.29
C HIS A 76 5.47 -2.73 14.22
N THR A 77 6.10 -3.92 14.21
CA THR A 77 5.38 -5.21 14.25
C THR A 77 6.18 -6.20 15.11
N THR A 78 5.47 -7.03 15.85
CA THR A 78 6.08 -8.08 16.69
C THR A 78 5.82 -9.47 16.11
N ASP A 79 5.23 -9.54 14.93
CA ASP A 79 5.05 -10.83 14.21
C ASP A 79 6.41 -11.47 13.97
N PRO A 80 6.70 -12.66 14.54
CA PRO A 80 8.06 -13.20 14.47
C PRO A 80 8.45 -13.71 13.07
N SER A 81 7.47 -13.95 12.20
CA SER A 81 7.67 -14.37 10.78
C SER A 81 7.86 -13.17 9.85
N PHE A 82 7.68 -11.94 10.32
CA PHE A 82 7.66 -10.74 9.45
C PHE A 82 8.98 -10.63 8.69
N LEU A 83 10.13 -10.71 9.36
CA LEU A 83 11.42 -10.42 8.67
CA LEU A 83 11.42 -10.41 8.68
C LEU A 83 11.68 -11.49 7.60
N GLY A 84 11.36 -12.74 7.90
CA GLY A 84 11.51 -13.85 6.92
C GLY A 84 10.63 -13.63 5.71
N ARG A 85 9.40 -13.19 5.91
CA ARG A 85 8.46 -12.94 4.78
C ARG A 85 8.93 -11.73 3.97
N TYR A 86 9.43 -10.70 4.64
CA TYR A 86 9.99 -9.49 4.00
C TYR A 86 11.16 -9.92 3.11
N MET A 87 12.10 -10.67 3.65
CA MET A 87 13.28 -11.11 2.89
C MET A 87 12.84 -12.00 1.70
N SER A 88 11.91 -12.93 1.90
CA SER A 88 11.46 -13.89 0.85
C SER A 88 10.86 -13.09 -0.30
N ALA A 89 10.06 -12.07 0.01
CA ALA A 89 9.45 -11.18 -1.02
C ALA A 89 10.54 -10.37 -1.71
N LEU A 90 11.50 -9.80 -0.96
CA LEU A 90 12.55 -8.93 -1.51
C LEU A 90 13.42 -9.69 -2.52
N ASN A 91 13.65 -10.98 -2.29
CA ASN A 91 14.45 -11.83 -3.20
C ASN A 91 13.78 -11.79 -4.59
N HIS A 92 12.46 -11.65 -4.66
CA HIS A 92 11.73 -11.52 -5.96
C HIS A 92 11.65 -10.04 -6.39
N THR A 93 11.21 -9.14 -5.52
CA THR A 93 10.93 -7.74 -5.94
C THR A 93 12.21 -7.04 -6.38
N LYS A 94 13.38 -7.46 -5.90
CA LYS A 94 14.62 -6.82 -6.35
C LYS A 94 14.87 -7.14 -7.82
N LYS A 95 14.22 -8.17 -8.38
CA LYS A 95 14.37 -8.54 -9.82
C LYS A 95 13.26 -7.92 -10.65
N TRP A 96 12.23 -7.34 -10.06
CA TRP A 96 11.21 -6.63 -10.86
C TRP A 96 11.84 -5.38 -11.47
N LYS A 97 11.22 -4.81 -12.50
CA LYS A 97 11.65 -3.50 -13.04
C LYS A 97 10.64 -2.45 -12.64
N TYR A 98 11.13 -1.22 -12.46
CA TYR A 98 10.38 -0.07 -11.92
C TYR A 98 10.53 1.09 -12.89
N PRO A 99 9.86 1.04 -14.04
CA PRO A 99 9.97 2.14 -15.00
C PRO A 99 9.28 3.40 -14.47
N GLN A 100 9.82 4.55 -14.87
CA GLN A 100 9.22 5.88 -14.65
C GLN A 100 8.19 6.06 -15.77
N VAL A 101 6.93 6.14 -15.41
CA VAL A 101 5.82 6.30 -16.37
C VAL A 101 5.13 7.62 -16.07
N ASN A 102 5.19 8.56 -17.01
CA ASN A 102 4.59 9.90 -16.82
C ASN A 102 5.04 10.52 -15.48
N GLY A 103 6.31 10.36 -15.13
CA GLY A 103 6.86 10.98 -13.92
C GLY A 103 6.60 10.18 -12.64
N LEU A 104 5.99 8.99 -12.69
CA LEU A 104 5.66 8.16 -11.51
C LEU A 104 6.43 6.84 -11.56
N THR A 105 6.87 6.32 -10.41
CA THR A 105 7.41 4.97 -10.40
C THR A 105 6.28 3.96 -10.55
N SER A 106 6.38 3.10 -11.57
CA SER A 106 5.43 2.00 -11.84
C SER A 106 6.19 0.69 -11.66
N ILE A 107 5.53 -0.41 -11.97
CA ILE A 107 6.17 -1.75 -11.92
C ILE A 107 5.83 -2.43 -13.24
N LYS A 108 6.86 -2.95 -13.89
CA LYS A 108 6.68 -3.88 -15.01
C LYS A 108 5.97 -5.13 -14.52
N TRP A 109 4.97 -5.57 -15.29
CA TRP A 109 4.10 -6.70 -14.89
C TRP A 109 4.95 -7.95 -14.67
N ALA A 110 4.81 -8.58 -13.51
CA ALA A 110 5.40 -9.87 -13.16
C ALA A 110 4.59 -10.44 -11.99
N ASP A 111 4.44 -11.76 -11.87
CA ASP A 111 4.00 -12.35 -10.58
C ASP A 111 2.66 -11.75 -10.11
N ASN A 112 1.73 -11.51 -11.05
CA ASN A 112 0.38 -11.01 -10.69
C ASN A 112 0.42 -9.70 -9.90
N ASN A 113 1.35 -8.82 -10.22
CA ASN A 113 1.59 -7.64 -9.37
C ASN A 113 0.79 -6.40 -9.80
N SER A 114 -0.25 -6.52 -10.61
CA SER A 114 -0.99 -5.33 -11.13
C SER A 114 -1.61 -4.56 -9.95
N TYR A 115 -2.03 -5.25 -8.89
CA TYR A 115 -2.64 -4.54 -7.73
C TYR A 115 -1.58 -3.66 -7.05
N LEU A 116 -0.35 -4.15 -6.95
CA LEU A 116 0.77 -3.40 -6.33
C LEU A 116 1.19 -2.23 -7.20
N ALA A 117 1.21 -2.40 -8.52
CA ALA A 117 1.56 -1.27 -9.42
C ALA A 117 0.54 -0.15 -9.22
N THR A 118 -0.76 -0.46 -9.27
CA THR A 118 -1.74 0.64 -9.16
CA THR A 118 -1.84 0.52 -9.12
C THR A 118 -1.75 1.19 -7.74
N ALA A 119 -1.49 0.41 -6.70
CA ALA A 119 -1.37 0.95 -5.33
C ALA A 119 -0.18 1.92 -5.28
N LEU A 120 0.98 1.51 -5.81
CA LEU A 120 2.23 2.34 -5.76
C LEU A 120 1.98 3.64 -6.53
N LEU A 121 1.33 3.57 -7.70
CA LEU A 121 1.06 4.81 -8.47
C LEU A 121 0.14 5.75 -7.69
N THR A 122 -0.86 5.20 -7.05
CA THR A 122 -1.84 5.96 -6.24
C THR A 122 -1.12 6.68 -5.11
N LEU A 123 -0.26 5.95 -4.40
CA LEU A 123 0.42 6.54 -3.21
C LEU A 123 1.21 7.78 -3.60
N GLN A 124 1.79 7.82 -4.81
CA GLN A 124 2.59 8.98 -5.28
C GLN A 124 1.69 10.15 -5.65
N GLN A 125 0.36 10.02 -5.58
CA GLN A 125 -0.57 11.07 -6.00
C GLN A 125 -1.44 11.56 -4.84
N ILE A 126 -1.28 11.00 -3.65
CA ILE A 126 -2.10 11.42 -2.46
C ILE A 126 -1.13 11.71 -1.32
N GLU A 127 -1.52 12.61 -0.42
CA GLU A 127 -0.64 13.05 0.70
C GLU A 127 -0.87 12.05 1.85
N LEU A 128 0.13 11.26 2.17
CA LEU A 128 0.07 10.17 3.17
C LEU A 128 1.46 10.06 3.79
N LYS A 129 1.52 10.10 5.11
CA LYS A 129 2.80 9.92 5.85
CA LYS A 129 2.80 9.92 5.85
C LYS A 129 2.72 8.59 6.60
N PHE A 130 3.69 7.71 6.38
CA PHE A 130 3.72 6.39 7.03
C PHE A 130 4.31 6.55 8.44
N ASN A 131 3.80 5.75 9.36
CA ASN A 131 4.27 5.73 10.77
C ASN A 131 5.55 4.92 10.88
N PRO A 132 5.64 3.66 10.40
CA PRO A 132 6.87 2.89 10.56
C PRO A 132 7.99 3.50 9.74
N PRO A 133 9.15 3.80 10.35
CA PRO A 133 10.31 4.28 9.61
C PRO A 133 10.66 3.40 8.39
N ALA A 134 10.44 2.09 8.48
CA ALA A 134 10.75 1.17 7.35
C ALA A 134 9.93 1.59 6.14
N LEU A 135 8.69 1.92 6.37
CA LEU A 135 7.79 2.31 5.22
C LEU A 135 8.13 3.72 4.76
N GLN A 136 8.35 4.66 5.68
CA GLN A 136 8.79 6.05 5.32
C GLN A 136 10.03 5.98 4.42
N ASP A 137 11.08 5.28 4.86
CA ASP A 137 12.38 5.17 4.14
C ASP A 137 12.18 4.48 2.77
N ALA A 138 11.44 3.38 2.75
CA ALA A 138 11.25 2.59 1.50
C ALA A 138 10.39 3.38 0.53
N TYR A 139 9.45 4.15 1.03
CA TYR A 139 8.56 4.95 0.16
C TYR A 139 9.37 6.03 -0.53
N TYR A 140 10.26 6.69 0.21
CA TYR A 140 11.19 7.72 -0.32
CA TYR A 140 11.11 7.74 -0.39
C TYR A 140 12.04 7.09 -1.44
N ARG A 141 12.58 5.89 -1.21
CA ARG A 141 13.41 5.18 -2.23
C ARG A 141 12.53 4.84 -3.45
N ALA A 142 11.30 4.38 -3.20
CA ALA A 142 10.35 4.01 -4.28
C ALA A 142 10.08 5.24 -5.19
N ARG A 143 9.78 6.38 -4.60
CA ARG A 143 9.53 7.66 -5.35
C ARG A 143 10.76 8.04 -6.18
N ALA A 144 11.97 7.74 -5.69
CA ALA A 144 13.26 7.99 -6.41
C ALA A 144 13.46 6.95 -7.51
N GLY A 145 12.68 5.86 -7.52
CA GLY A 145 12.74 4.83 -8.58
C GLY A 145 13.19 3.47 -8.13
N GLU A 146 13.58 3.31 -6.87
CA GLU A 146 14.07 1.99 -6.37
CA GLU A 146 14.09 2.02 -6.34
C GLU A 146 13.02 1.46 -5.40
N ALA A 147 11.98 0.84 -5.95
CA ALA A 147 10.78 0.44 -5.19
C ALA A 147 10.82 -1.01 -4.69
N ALA A 148 11.92 -1.75 -4.86
CA ALA A 148 11.94 -3.19 -4.47
C ALA A 148 11.65 -3.35 -2.96
N ASN A 149 12.30 -2.56 -2.11
CA ASN A 149 12.07 -2.68 -0.65
C ASN A 149 10.62 -2.32 -0.29
N PHE A 150 10.11 -1.24 -0.85
CA PHE A 150 8.73 -0.80 -0.57
C PHE A 150 7.77 -1.91 -0.97
N CYS A 151 7.90 -2.47 -2.17
CA CYS A 151 6.99 -3.56 -2.62
C CYS A 151 7.09 -4.77 -1.68
N ALA A 152 8.29 -5.17 -1.26
CA ALA A 152 8.48 -6.32 -0.37
C ALA A 152 7.88 -6.04 1.02
N LEU A 153 8.00 -4.80 1.52
CA LEU A 153 7.37 -4.40 2.79
C LEU A 153 5.85 -4.46 2.66
N ILE A 154 5.26 -3.92 1.58
CA ILE A 154 3.78 -4.00 1.43
C ILE A 154 3.35 -5.46 1.52
N LEU A 155 4.01 -6.34 0.74
CA LEU A 155 3.71 -7.79 0.73
C LEU A 155 3.80 -8.32 2.15
N ALA A 156 4.89 -8.04 2.84
CA ALA A 156 5.10 -8.58 4.19
C ALA A 156 4.04 -8.04 5.14
N TYR A 157 3.82 -6.73 5.17
CA TYR A 157 2.80 -6.09 6.04
C TYR A 157 1.41 -6.62 5.74
N CYS A 158 1.08 -6.92 4.49
CA CYS A 158 -0.28 -7.36 4.12
C CYS A 158 -0.40 -8.89 4.18
N ASN A 159 0.64 -9.61 4.61
CA ASN A 159 0.67 -11.08 4.63
C ASN A 159 0.34 -11.64 3.24
N LYS A 160 0.90 -11.06 2.19
CA LYS A 160 0.78 -11.56 0.80
CA LYS A 160 0.77 -11.59 0.82
C LYS A 160 2.15 -12.07 0.36
N THR A 161 2.19 -13.12 -0.46
CA THR A 161 3.45 -13.59 -1.07
C THR A 161 3.51 -13.09 -2.51
N VAL A 162 4.71 -13.02 -3.04
CA VAL A 162 4.96 -12.76 -4.49
C VAL A 162 4.18 -13.81 -5.30
N GLY A 163 3.39 -13.36 -6.25
CA GLY A 163 2.67 -14.24 -7.18
C GLY A 163 1.21 -14.33 -6.79
N GLU A 164 0.86 -13.96 -5.57
CA GLU A 164 -0.53 -13.97 -5.07
CA GLU A 164 -0.54 -14.01 -5.11
C GLU A 164 -1.29 -12.81 -5.71
N LEU A 165 -2.50 -13.07 -6.18
CA LEU A 165 -3.44 -12.02 -6.60
C LEU A 165 -3.86 -11.26 -5.35
N GLY A 166 -4.00 -9.95 -5.44
CA GLY A 166 -4.35 -9.12 -4.29
C GLY A 166 -5.44 -8.13 -4.64
N ASP A 167 -5.94 -7.43 -3.64
CA ASP A 167 -7.02 -6.44 -3.77
C ASP A 167 -6.42 -5.06 -3.55
N VAL A 168 -6.71 -4.08 -4.41
CA VAL A 168 -6.18 -2.72 -4.24
C VAL A 168 -6.81 -2.08 -2.99
N ARG A 169 -8.12 -2.20 -2.83
CA ARG A 169 -8.79 -1.50 -1.71
C ARG A 169 -8.26 -2.03 -0.37
N GLU A 170 -8.21 -3.34 -0.20
CA GLU A 170 -7.74 -3.92 1.09
C GLU A 170 -6.29 -3.53 1.31
N THR A 171 -5.46 -3.57 0.27
CA THR A 171 -4.04 -3.17 0.34
C THR A 171 -3.95 -1.74 0.85
N MET A 172 -4.69 -0.81 0.25
CA MET A 172 -4.69 0.60 0.67
C MET A 172 -5.20 0.73 2.12
N SER A 173 -6.20 -0.04 2.51
CA SER A 173 -6.76 0.05 3.87
CA SER A 173 -6.76 0.05 3.89
C SER A 173 -5.67 -0.35 4.88
N TYR A 174 -4.93 -1.40 4.58
CA TYR A 174 -3.86 -1.89 5.50
C TYR A 174 -2.76 -0.81 5.59
N LEU A 175 -2.40 -0.20 4.45
CA LEU A 175 -1.38 0.87 4.46
C LEU A 175 -1.92 2.11 5.21
N PHE A 176 -3.19 2.45 5.03
CA PHE A 176 -3.80 3.58 5.75
C PHE A 176 -3.75 3.33 7.27
N GLN A 177 -3.85 2.07 7.70
CA GLN A 177 -3.83 1.73 9.15
C GLN A 177 -2.44 2.00 9.74
N HIS A 178 -1.38 2.04 8.93
CA HIS A 178 0.03 2.26 9.37
C HIS A 178 0.43 3.72 8.97
N ALA A 179 -0.54 4.59 8.67
CA ALA A 179 -0.28 5.98 8.27
C ALA A 179 -0.88 6.91 9.32
N ASN A 180 -0.45 8.15 9.28
CA ASN A 180 -0.97 9.19 10.21
C ASN A 180 -2.21 9.85 9.59
N LEU A 181 -3.39 9.34 9.92
CA LEU A 181 -4.70 9.91 9.51
C LEU A 181 -5.43 10.42 10.74
N ASP A 182 -4.71 10.76 11.82
CA ASP A 182 -5.34 11.21 13.09
C ASP A 182 -6.20 12.47 12.86
N SER A 183 -5.77 13.34 11.95
CA SER A 183 -6.45 14.62 11.59
C SER A 183 -7.72 14.40 10.74
N CYS A 184 -7.96 13.18 10.24
CA CYS A 184 -9.03 12.95 9.24
C CYS A 184 -10.35 12.82 9.98
N LYS A 185 -11.35 13.55 9.53
CA LYS A 185 -12.70 13.55 10.13
C LYS A 185 -13.73 13.58 9.01
N ARG A 186 -14.81 12.82 9.19
CA ARG A 186 -15.98 12.83 8.28
C ARG A 186 -17.26 12.88 9.11
N VAL A 187 -18.18 13.77 8.75
CA VAL A 187 -19.55 13.81 9.29
C VAL A 187 -20.52 13.47 8.15
N LEU A 188 -21.37 12.48 8.38
CA LEU A 188 -22.41 12.01 7.44
C LEU A 188 -23.78 12.26 8.07
N ASN A 189 -24.79 12.45 7.24
CA ASN A 189 -26.20 12.50 7.70
C ASN A 189 -26.95 11.46 6.90
N VAL A 190 -27.83 10.70 7.56
CA VAL A 190 -28.74 9.75 6.89
C VAL A 190 -30.16 10.21 7.19
N VAL A 191 -30.93 10.54 6.16
CA VAL A 191 -32.30 11.10 6.30
C VAL A 191 -33.24 10.07 5.68
N CYS A 192 -34.18 9.60 6.49
CA CYS A 192 -35.30 8.78 6.03
C CYS A 192 -36.57 9.61 6.27
N LYS A 193 -37.38 9.76 5.23
CA LYS A 193 -38.60 10.59 5.32
C LYS A 193 -39.56 9.97 6.34
N THR A 194 -39.42 8.67 6.65
CA THR A 194 -40.25 7.96 7.66
C THR A 194 -39.61 8.04 9.06
N CYS A 195 -38.37 7.57 9.23
CA CYS A 195 -37.63 7.44 10.52
C CYS A 195 -37.04 8.74 11.06
N GLY A 196 -36.75 9.70 10.20
CA GLY A 196 -36.03 10.94 10.57
C GLY A 196 -34.56 10.84 10.19
N GLN A 197 -33.67 11.50 10.92
CA GLN A 197 -32.27 11.67 10.45
C GLN A 197 -31.32 11.28 11.58
N GLN A 198 -30.14 10.78 11.22
CA GLN A 198 -29.06 10.37 12.13
C GLN A 198 -27.73 10.86 11.54
N GLN A 199 -27.05 11.70 12.30
CA GLN A 199 -25.66 12.11 12.01
C GLN A 199 -24.66 11.09 12.59
N THR A 200 -23.58 10.83 11.86
CA THR A 200 -22.45 9.97 12.27
C THR A 200 -21.13 10.70 12.02
N THR A 201 -20.17 10.59 12.96
CA THR A 201 -18.80 11.15 12.81
C THR A 201 -17.83 9.99 12.73
N LEU A 202 -16.94 10.01 11.74
CA LEU A 202 -15.96 8.95 11.50
C LEU A 202 -14.58 9.60 11.55
N LYS A 203 -13.57 8.82 11.97
CA LYS A 203 -12.19 9.31 12.18
C LYS A 203 -11.23 8.37 11.49
N GLY A 204 -10.06 8.87 11.12
CA GLY A 204 -8.95 8.02 10.67
C GLY A 204 -9.27 7.36 9.35
N VAL A 205 -9.01 6.06 9.23
CA VAL A 205 -9.17 5.32 7.96
C VAL A 205 -10.65 5.42 7.56
N GLU A 206 -11.56 5.34 8.53
CA GLU A 206 -13.04 5.34 8.27
CA GLU A 206 -13.00 5.28 8.13
C GLU A 206 -13.47 6.67 7.66
N ALA A 207 -12.72 7.74 7.93
CA ALA A 207 -13.05 9.09 7.46
C ALA A 207 -12.66 9.27 5.98
N VAL A 208 -11.77 8.43 5.44
CA VAL A 208 -11.24 8.65 4.04
C VAL A 208 -11.75 7.59 3.07
N MET A 209 -12.39 6.53 3.53
CA MET A 209 -12.84 5.41 2.66
C MET A 209 -14.36 5.33 2.68
N TYR A 210 -14.98 5.13 1.52
CA TYR A 210 -16.44 4.91 1.46
C TYR A 210 -16.68 3.81 0.45
N MET A 211 -17.54 2.86 0.77
CA MET A 211 -17.96 1.80 -0.16
C MET A 211 -19.42 2.00 -0.57
N GLY A 212 -19.67 2.02 -1.87
CA GLY A 212 -21.04 1.99 -2.44
C GLY A 212 -21.22 2.98 -3.58
N THR A 213 -20.37 4.00 -3.71
CA THR A 213 -20.38 4.90 -4.88
C THR A 213 -18.97 5.34 -5.19
N LEU A 214 -18.65 5.44 -6.48
CA LEU A 214 -17.33 5.96 -6.93
C LEU A 214 -17.37 7.47 -7.00
N SER A 215 -18.56 8.06 -7.09
CA SER A 215 -18.70 9.53 -7.33
C SER A 215 -18.66 10.30 -6.01
N TYR A 216 -17.64 11.15 -5.83
CA TYR A 216 -17.59 12.09 -4.68
C TYR A 216 -18.72 13.09 -4.78
N GLU A 217 -19.02 13.60 -5.99
CA GLU A 217 -20.14 14.55 -6.20
C GLU A 217 -21.45 13.93 -5.72
N GLN A 218 -21.71 12.69 -6.10
CA GLN A 218 -22.97 11.99 -5.73
C GLN A 218 -23.02 11.82 -4.20
N PHE A 219 -21.89 11.56 -3.55
CA PHE A 219 -21.81 11.39 -2.07
C PHE A 219 -22.20 12.71 -1.41
N LYS A 220 -21.79 13.83 -2.02
CA LYS A 220 -22.13 15.20 -1.52
C LYS A 220 -23.61 15.52 -1.72
N LYS A 221 -24.22 15.06 -2.81
CA LYS A 221 -25.62 15.33 -3.17
C LYS A 221 -26.54 14.38 -2.42
N GLY A 222 -26.10 13.16 -2.15
CA GLY A 222 -26.87 12.15 -1.43
C GLY A 222 -27.02 10.89 -2.25
N VAL A 223 -26.75 9.73 -1.65
CA VAL A 223 -26.93 8.41 -2.30
C VAL A 223 -28.09 7.72 -1.61
N GLN A 224 -28.90 6.98 -2.36
CA GLN A 224 -30.03 6.18 -1.83
C GLN A 224 -29.45 4.90 -1.22
N ILE A 225 -29.85 4.56 -0.01
CA ILE A 225 -29.48 3.27 0.64
C ILE A 225 -30.73 2.71 1.29
N PRO A 226 -30.76 1.38 1.59
CA PRO A 226 -31.84 0.80 2.36
C PRO A 226 -31.81 1.36 3.77
N CYS A 227 -32.96 1.73 4.29
CA CYS A 227 -33.05 2.13 5.71
C CYS A 227 -33.34 0.86 6.51
N THR A 228 -32.93 0.82 7.79
CA THR A 228 -33.29 -0.29 8.70
C THR A 228 -34.81 -0.41 8.84
N CYS A 229 -35.60 0.67 8.68
CA CYS A 229 -37.09 0.55 8.77
C CYS A 229 -37.69 -0.26 7.60
N GLY A 230 -36.97 -0.52 6.51
CA GLY A 230 -37.46 -1.30 5.36
C GLY A 230 -37.67 -0.44 4.11
N LYS A 231 -37.65 0.88 4.26
CA LYS A 231 -37.77 1.85 3.13
C LYS A 231 -36.38 2.25 2.66
N GLN A 232 -36.25 3.43 2.06
CA GLN A 232 -34.98 3.96 1.55
C GLN A 232 -34.68 5.28 2.25
N ALA A 233 -33.40 5.53 2.47
CA ALA A 233 -32.88 6.76 3.08
C ALA A 233 -31.88 7.38 2.12
N THR A 234 -31.52 8.63 2.40
CA THR A 234 -30.49 9.40 1.66
C THR A 234 -29.33 9.64 2.61
N LYS A 235 -28.15 9.19 2.22
CA LYS A 235 -26.90 9.39 2.97
C LYS A 235 -26.12 10.46 2.24
N TYR A 236 -25.70 11.51 2.92
CA TYR A 236 -24.86 12.56 2.28
C TYR A 236 -23.76 13.04 3.24
N LEU A 237 -22.72 13.57 2.62
CA LEU A 237 -21.52 14.11 3.31
C LEU A 237 -21.85 15.49 3.88
N VAL A 238 -21.67 15.66 5.19
CA VAL A 238 -21.90 16.95 5.89
C VAL A 238 -20.58 17.72 5.91
N GLN A 239 -19.51 17.05 6.31
CA GLN A 239 -18.21 17.70 6.58
C GLN A 239 -17.10 16.69 6.30
N GLN A 240 -16.04 17.14 5.63
CA GLN A 240 -14.86 16.31 5.34
C GLN A 240 -13.61 17.12 5.67
N GLU A 241 -12.72 16.56 6.49
CA GLU A 241 -11.37 17.11 6.78
C GLU A 241 -10.35 16.02 6.49
N SER A 242 -9.70 16.09 5.34
CA SER A 242 -8.69 15.06 4.94
C SER A 242 -8.00 15.58 3.69
N PRO A 243 -6.77 15.13 3.42
CA PRO A 243 -6.06 15.56 2.22
C PRO A 243 -6.51 14.80 0.97
N PHE A 244 -7.23 13.68 1.14
CA PHE A 244 -7.84 12.94 0.02
C PHE A 244 -9.04 12.16 0.53
N VAL A 245 -9.86 11.65 -0.39
CA VAL A 245 -10.87 10.60 -0.11
C VAL A 245 -10.70 9.52 -1.16
N MET A 246 -11.05 8.31 -0.77
CA MET A 246 -11.09 7.10 -1.62
C MET A 246 -12.53 6.58 -1.62
N MET A 247 -13.15 6.59 -2.79
CA MET A 247 -14.52 6.08 -3.03
C MET A 247 -14.40 4.75 -3.77
N SER A 248 -15.10 3.73 -3.28
CA SER A 248 -15.05 2.36 -3.84
C SER A 248 -16.46 1.88 -4.17
N ALA A 249 -16.55 0.89 -5.05
CA ALA A 249 -17.84 0.22 -5.31
C ALA A 249 -17.58 -1.10 -5.99
N PRO A 250 -18.53 -2.04 -5.97
CA PRO A 250 -18.39 -3.24 -6.78
C PRO A 250 -18.11 -2.82 -8.23
N PRO A 251 -17.18 -3.49 -8.92
CA PRO A 251 -16.75 -3.06 -10.24
C PRO A 251 -17.95 -2.95 -11.18
N ALA A 252 -18.03 -1.88 -11.91
CA ALA A 252 -19.13 -1.63 -12.84
C ALA A 252 -18.59 -0.68 -13.89
N GLN A 253 -19.15 -0.71 -15.08
CA GLN A 253 -18.79 0.24 -16.14
C GLN A 253 -19.04 1.64 -15.60
N TYR A 254 -18.07 2.54 -15.75
CA TYR A 254 -18.10 3.89 -15.14
C TYR A 254 -17.29 4.81 -16.03
N GLU A 255 -17.75 6.04 -16.20
CA GLU A 255 -17.07 7.03 -17.06
C GLU A 255 -16.28 7.97 -16.17
N LEU A 256 -14.97 8.01 -16.33
CA LEU A 256 -14.08 8.96 -15.64
C LEU A 256 -13.92 10.19 -16.53
N LYS A 257 -14.14 11.38 -15.98
CA LYS A 257 -14.01 12.64 -16.77
C LYS A 257 -12.73 13.38 -16.34
N HIS A 258 -11.91 13.79 -17.30
CA HIS A 258 -10.72 14.64 -17.05
C HIS A 258 -11.07 15.79 -16.11
N GLY A 259 -10.24 16.04 -15.09
CA GLY A 259 -10.32 17.22 -14.22
C GLY A 259 -11.25 17.05 -13.03
N THR A 260 -11.92 15.90 -12.87
CA THR A 260 -12.95 15.67 -11.81
C THR A 260 -12.43 14.72 -10.73
N PHE A 261 -11.25 14.13 -10.90
CA PHE A 261 -10.73 13.15 -9.91
C PHE A 261 -9.23 13.17 -9.96
N THR A 262 -8.56 12.48 -9.04
CA THR A 262 -7.08 12.45 -9.02
C THR A 262 -6.61 11.21 -9.78
N CYS A 263 -7.01 10.02 -9.32
CA CYS A 263 -6.64 8.76 -9.98
C CYS A 263 -7.66 7.67 -9.62
N ALA A 264 -7.58 6.53 -10.30
CA ALA A 264 -8.59 5.46 -10.18
C ALA A 264 -7.97 4.12 -10.52
N SER A 265 -8.58 3.07 -10.01
CA SER A 265 -8.26 1.66 -10.34
C SER A 265 -9.39 1.03 -11.15
N GLU A 266 -9.00 0.34 -12.20
CA GLU A 266 -9.86 -0.43 -13.13
C GLU A 266 -9.55 -1.90 -12.89
N TYR A 267 -10.57 -2.74 -12.74
CA TYR A 267 -10.41 -4.21 -12.60
C TYR A 267 -11.17 -4.91 -13.71
N THR A 268 -10.47 -5.67 -14.53
CA THR A 268 -11.07 -6.47 -15.63
C THR A 268 -10.85 -7.95 -15.34
N GLY A 269 -11.86 -8.76 -15.62
CA GLY A 269 -11.72 -10.22 -15.54
C GLY A 269 -12.70 -10.77 -14.52
N ASN A 270 -12.53 -12.04 -14.18
CA ASN A 270 -13.50 -12.75 -13.32
C ASN A 270 -13.09 -12.50 -11.86
N TYR A 271 -13.90 -13.02 -10.94
CA TYR A 271 -13.60 -13.02 -9.49
C TYR A 271 -12.17 -13.52 -9.26
N GLN A 272 -11.42 -12.74 -8.49
CA GLN A 272 -10.10 -13.08 -7.89
C GLN A 272 -8.99 -12.98 -8.94
N CYS A 273 -9.16 -13.53 -10.15
CA CYS A 273 -7.98 -13.73 -11.05
C CYS A 273 -7.92 -12.69 -12.18
N GLY A 274 -8.50 -11.51 -11.98
CA GLY A 274 -8.53 -10.40 -12.96
C GLY A 274 -7.25 -9.58 -12.91
N HIS A 275 -7.28 -8.43 -13.58
CA HIS A 275 -6.10 -7.56 -13.79
C HIS A 275 -6.50 -6.10 -13.54
N TYR A 276 -5.67 -5.39 -12.81
CA TYR A 276 -5.87 -3.95 -12.54
C TYR A 276 -5.07 -3.08 -13.53
N LYS A 277 -5.66 -1.93 -13.86
CA LYS A 277 -4.93 -0.81 -14.50
C LYS A 277 -5.18 0.42 -13.64
N HIS A 278 -4.34 1.43 -13.84
CA HIS A 278 -4.39 2.72 -13.13
C HIS A 278 -4.78 3.80 -14.14
N ILE A 279 -5.69 4.70 -13.76
CA ILE A 279 -6.02 5.89 -14.56
C ILE A 279 -5.68 7.13 -13.74
N THR A 280 -4.88 8.06 -14.27
CA THR A 280 -4.48 9.30 -13.59
C THR A 280 -4.98 10.47 -14.44
N SER A 281 -5.65 11.44 -13.82
CA SER A 281 -6.14 12.69 -14.47
C SER A 281 -5.08 13.77 -14.33
N LYS A 282 -4.39 14.09 -15.43
CA LYS A 282 -3.37 15.18 -15.45
C LYS A 282 -3.85 16.19 -16.50
N GLU A 283 -3.00 16.55 -17.45
CA GLU A 283 -3.40 17.42 -18.60
C GLU A 283 -4.48 16.68 -19.40
N THR A 284 -4.48 15.35 -19.36
CA THR A 284 -5.51 14.49 -19.99
C THR A 284 -5.55 13.21 -19.15
N LEU A 285 -6.30 12.20 -19.58
CA LEU A 285 -6.36 10.92 -18.83
C LEU A 285 -5.28 9.97 -19.34
N TYR A 286 -4.45 9.50 -18.43
CA TYR A 286 -3.41 8.52 -18.74
C TYR A 286 -3.79 7.20 -18.09
N CYS A 287 -3.70 6.13 -18.84
CA CYS A 287 -3.91 4.75 -18.35
C CYS A 287 -2.55 4.07 -18.24
N ILE A 288 -2.15 3.77 -17.02
CA ILE A 288 -0.84 3.13 -16.74
C ILE A 288 -1.12 1.68 -16.38
N ASP A 289 -0.58 0.78 -17.16
CA ASP A 289 -0.76 -0.69 -17.01
C ASP A 289 0.62 -1.28 -16.87
N GLY A 290 1.15 -1.20 -15.66
CA GLY A 290 2.55 -1.54 -15.37
C GLY A 290 3.50 -0.63 -16.14
N ALA A 291 4.20 -1.16 -17.13
CA ALA A 291 5.13 -0.42 -18.00
C ALA A 291 4.37 0.29 -19.13
N LEU A 292 3.09 -0.06 -19.34
CA LEU A 292 2.36 0.37 -20.55
C LEU A 292 1.67 1.70 -20.25
N LEU A 293 1.67 2.61 -21.23
CA LEU A 293 1.02 3.93 -21.11
C LEU A 293 0.19 4.19 -22.37
N THR A 294 -1.06 4.57 -22.18
CA THR A 294 -1.95 5.07 -23.23
C THR A 294 -2.64 6.32 -22.71
N LYS A 295 -3.25 7.10 -23.61
CA LYS A 295 -3.96 8.31 -23.15
C LYS A 295 -5.32 8.35 -23.83
N SER A 296 -6.27 9.07 -23.25
CA SER A 296 -7.55 9.39 -23.94
C SER A 296 -8.19 10.62 -23.27
N SER A 297 -9.18 11.22 -23.93
CA SER A 297 -9.86 12.43 -23.40
C SER A 297 -10.89 12.01 -22.35
N GLU A 298 -11.54 10.86 -22.56
CA GLU A 298 -12.44 10.22 -21.57
C GLU A 298 -12.11 8.74 -21.45
N TYR A 299 -12.57 8.13 -20.39
CA TYR A 299 -12.22 6.73 -20.04
C TYR A 299 -13.47 6.09 -19.47
N LYS A 300 -13.87 4.96 -20.05
CA LYS A 300 -15.03 4.17 -19.59
C LYS A 300 -14.53 2.74 -19.40
N GLY A 301 -14.66 2.22 -18.20
CA GLY A 301 -14.25 0.85 -17.91
C GLY A 301 -14.77 0.44 -16.55
N PRO A 302 -14.49 -0.80 -16.14
CA PRO A 302 -14.94 -1.34 -14.87
C PRO A 302 -14.10 -0.77 -13.71
N ILE A 303 -14.56 0.34 -13.15
CA ILE A 303 -13.79 1.08 -12.11
C ILE A 303 -14.19 0.53 -10.74
N THR A 304 -13.21 0.36 -9.86
CA THR A 304 -13.38 -0.20 -8.50
C THR A 304 -13.16 0.89 -7.44
N ASP A 305 -12.21 1.79 -7.67
CA ASP A 305 -11.75 2.77 -6.65
C ASP A 305 -11.43 4.09 -7.36
N VAL A 306 -11.91 5.20 -6.82
CA VAL A 306 -11.53 6.56 -7.32
C VAL A 306 -11.06 7.41 -6.15
N PHE A 307 -9.94 8.09 -6.35
CA PHE A 307 -9.29 8.97 -5.36
C PHE A 307 -9.51 10.41 -5.78
N TYR A 308 -9.81 11.25 -4.81
CA TYR A 308 -10.09 12.68 -5.01
C TYR A 308 -9.23 13.48 -4.03
N LYS A 309 -8.80 14.65 -4.48
CA LYS A 309 -8.11 15.63 -3.62
C LYS A 309 -9.15 16.25 -2.68
N GLU A 310 -8.74 16.52 -1.45
CA GLU A 310 -9.60 17.23 -0.47
C GLU A 310 -8.72 18.07 0.43
N ASN A 311 -9.34 19.01 1.15
CA ASN A 311 -8.70 19.65 2.32
CA ASN A 311 -8.71 19.68 2.32
C ASN A 311 -9.79 19.84 3.38
N SER A 312 -10.80 20.62 3.06
CA SER A 312 -11.93 20.88 3.98
C SER A 312 -13.18 21.13 3.14
N TYR A 313 -14.24 20.39 3.43
CA TYR A 313 -15.55 20.53 2.73
C TYR A 313 -16.61 20.63 3.81
N THR A 314 -17.55 21.55 3.63
CA THR A 314 -18.77 21.67 4.47
C THR A 314 -19.96 21.78 3.53
N THR A 315 -21.00 20.98 3.73
CA THR A 315 -22.21 20.96 2.84
C THR A 315 -22.92 22.32 2.90
N THR A 316 -23.68 22.65 1.86
CA THR A 316 -24.69 23.75 1.81
C THR A 316 -26.09 23.17 2.05
N ILE A 317 -26.24 21.84 2.14
CA ILE A 317 -27.55 21.18 2.44
C ILE A 317 -27.95 21.51 3.88
N LYS A 318 -29.19 21.95 4.08
CA LYS A 318 -29.74 22.39 5.40
C LYS A 318 -30.57 21.24 6.02
C4 9EI B . -15.06 -8.14 -2.68
C6 9EI B . -14.24 -8.80 -4.89
C7 9EI B . -12.98 -9.05 -5.66
C8 9EI B . -11.82 -8.29 -5.41
C10 9EI B . -10.66 -8.51 -6.18
C1 9EI B . -17.34 -7.69 -1.07
C2 9EI B . -16.63 -8.87 -0.96
C3 9EI B . -15.52 -9.12 -1.78
C12 9EI B . -10.69 -9.53 -7.12
O18 9EI B . -15.32 -8.97 -5.39
N30 9EI B . -9.49 -7.79 -6.02
N13 9EI B . -11.82 -10.26 -7.36
C15 9EI B . -12.94 -10.07 -6.63
N5 9EI B . -14.05 -8.44 -3.59
C22 9EI B . -16.99 -6.67 -1.97
C21 9EI B . -15.83 -6.85 -2.86
C24 9EI B . -17.72 -5.49 -2.07
C26 9EI B . -17.28 -4.52 -2.99
C28 9EI B . -16.17 -4.67 -3.82
C20 9EI B . -15.44 -5.85 -3.79
ZN ZN C . -36.36 4.57 7.77
CL CL D . 2.33 1.83 12.84
CL CL E . 6.27 8.57 4.70
C FMT F . 22.51 -8.60 18.76
C FMT F . 22.49 -8.22 18.39
O1 FMT F . 22.87 -8.24 20.03
O1 FMT F . 22.48 -7.70 19.53
O2 FMT F . 23.25 -8.81 17.65
O2 FMT F . 22.09 -9.44 18.19
C FMT G . -32.31 7.46 10.62
O1 FMT G . -32.89 7.30 11.68
O2 FMT G . -31.99 6.49 9.83
#